data_2RA9
#
_entry.id   2RA9
#
_cell.length_a   38.409
_cell.length_b   62.286
_cell.length_c   73.247
_cell.angle_alpha   90.00
_cell.angle_beta   90.00
_cell.angle_gamma   90.00
#
_symmetry.space_group_name_H-M   'P 21 21 21'
#
loop_
_entity.id
_entity.type
_entity.pdbx_description
1 polymer 'Uncharacterized protein DUF1285'
2 non-polymer 'SODIUM ION'
3 non-polymer 1,2-ETHANEDIOL
4 water water
#
_entity_poly.entity_id   1
_entity_poly.type   'polypeptide(L)'
_entity_poly.pdbx_seq_one_letter_code
;GQHTLKQFAADSALTTTTPLCSEVPLFDINALGDWTYLGTSLPAKFAKLFASILHCIDDEYFLITPVEKVRVQVEDAPLL
IVDFERAQPHSLLNVSTSIGTLHHNVDIKQ(MSE)KLTDDSVYLPLERGLWGKLGRACYYNFVNEFNLSDLNEQ
;
_entity_poly.pdbx_strand_id   A
#
loop_
_chem_comp.id
_chem_comp.type
_chem_comp.name
_chem_comp.formula
EDO non-polymer 1,2-ETHANEDIOL 'C2 H6 O2'
NA non-polymer 'SODIUM ION' 'Na 1'
#
# COMPACT_ATOMS: atom_id res chain seq x y z
N SER A 22 18.66 -16.15 -9.46
CA SER A 22 17.29 -15.54 -9.53
C SER A 22 16.21 -16.57 -9.29
N GLU A 23 15.55 -16.51 -8.13
CA GLU A 23 14.16 -16.90 -8.10
C GLU A 23 13.55 -15.69 -8.83
N VAL A 24 13.22 -15.80 -10.13
CA VAL A 24 12.35 -14.80 -10.74
C VAL A 24 11.02 -14.85 -9.97
N PRO A 25 10.59 -13.72 -9.38
CA PRO A 25 9.29 -13.78 -8.68
C PRO A 25 8.13 -14.20 -9.58
N LEU A 26 7.27 -15.06 -9.07
CA LEU A 26 6.09 -15.50 -9.84
C LEU A 26 4.91 -14.53 -9.74
N PHE A 27 4.94 -13.71 -8.68
CA PHE A 27 3.92 -12.69 -8.45
C PHE A 27 4.53 -11.35 -8.79
N ASP A 28 3.73 -10.52 -9.46
CA ASP A 28 4.14 -9.20 -9.90
C ASP A 28 3.06 -8.18 -9.53
N ILE A 29 3.45 -7.01 -9.01
CA ILE A 29 2.54 -5.90 -8.75
C ILE A 29 3.02 -4.73 -9.58
N ASN A 30 2.16 -4.25 -10.47
CA ASN A 30 2.55 -3.12 -11.34
C ASN A 30 2.37 -1.79 -10.64
N ALA A 31 2.75 -0.71 -11.32
CA ALA A 31 2.82 0.61 -10.71
C ALA A 31 1.44 1.10 -10.26
N LEU A 32 0.38 0.59 -10.89
CA LEU A 32 -0.98 0.93 -10.51
CA LEU A 32 -0.97 0.94 -10.50
C LEU A 32 -1.54 0.04 -9.41
N GLY A 33 -0.77 -0.96 -8.99
CA GLY A 33 -1.17 -1.83 -7.88
C GLY A 33 -1.88 -3.08 -8.27
N ASP A 34 -1.90 -3.39 -9.56
CA ASP A 34 -2.58 -4.58 -10.03
C ASP A 34 -1.62 -5.75 -9.98
N TRP A 35 -2.13 -6.92 -9.59
CA TRP A 35 -1.30 -8.10 -9.40
C TRP A 35 -1.44 -9.09 -10.55
N THR A 36 -0.35 -9.76 -10.87
CA THR A 36 -0.39 -11.00 -11.67
C THR A 36 0.33 -12.13 -10.98
N TYR A 37 -0.05 -13.35 -11.35
CA TYR A 37 0.62 -14.57 -10.93
C TYR A 37 0.87 -15.36 -12.20
N LEU A 38 2.12 -15.70 -12.43
CA LEU A 38 2.51 -16.43 -13.66
C LEU A 38 2.05 -15.68 -14.90
N GLY A 39 2.02 -14.36 -14.82
CA GLY A 39 1.61 -13.55 -15.94
C GLY A 39 0.12 -13.36 -16.12
N THR A 40 -0.69 -14.03 -15.28
CA THR A 40 -2.15 -13.93 -15.34
C THR A 40 -2.67 -12.94 -14.30
N SER A 41 -3.57 -12.06 -14.71
CA SER A 41 -4.23 -11.13 -13.80
C SER A 41 -4.95 -11.81 -12.66
N LEU A 42 -4.70 -11.36 -11.42
CA LEU A 42 -5.47 -11.82 -10.28
C LEU A 42 -6.63 -10.87 -10.02
N PRO A 43 -7.85 -11.41 -9.83
CA PRO A 43 -8.91 -10.58 -9.32
C PRO A 43 -8.58 -9.93 -7.99
N ALA A 44 -9.19 -8.80 -7.73
CA ALA A 44 -8.90 -8.04 -6.52
C ALA A 44 -8.94 -8.90 -5.27
N LYS A 45 -9.94 -9.77 -5.14
CA LYS A 45 -10.10 -10.55 -3.91
C LYS A 45 -8.94 -11.53 -3.75
N PHE A 46 -8.38 -12.03 -4.86
CA PHE A 46 -7.19 -12.85 -4.76
C PHE A 46 -5.97 -12.05 -4.41
N ALA A 47 -5.81 -10.85 -4.99
CA ALA A 47 -4.74 -9.97 -4.58
C ALA A 47 -4.87 -9.66 -3.07
N LYS A 48 -6.09 -9.43 -2.59
CA LYS A 48 -6.30 -9.14 -1.15
C LYS A 48 -5.91 -10.35 -0.27
N LEU A 49 -6.27 -11.56 -0.70
CA LEU A 49 -5.83 -12.78 0.00
C LEU A 49 -4.31 -12.83 0.09
N PHE A 50 -3.63 -12.68 -1.02
CA PHE A 50 -2.16 -12.73 -0.95
C PHE A 50 -1.56 -11.53 -0.19
N ALA A 51 -2.21 -10.37 -0.24
CA ALA A 51 -1.67 -9.17 0.42
C ALA A 51 -1.61 -9.40 1.93
N SER A 52 -2.50 -10.24 2.45
CA SER A 52 -2.56 -10.52 3.90
C SER A 52 -1.27 -11.14 4.44
N ILE A 53 -0.51 -11.77 3.55
CA ILE A 53 0.77 -12.41 3.92
C ILE A 53 1.99 -11.79 3.20
N LEU A 54 1.81 -10.59 2.69
CA LEU A 54 2.85 -9.82 2.01
C LEU A 54 3.63 -8.97 2.98
N HIS A 55 4.95 -9.07 2.87
CA HIS A 55 5.91 -8.29 3.67
C HIS A 55 6.98 -7.70 2.79
N CYS A 56 7.56 -6.58 3.24
CA CYS A 56 8.76 -6.00 2.66
C CYS A 56 9.86 -6.08 3.74
N ILE A 57 10.90 -6.85 3.43
CA ILE A 57 12.02 -7.13 4.34
C ILE A 57 13.27 -6.74 3.60
N ASP A 58 14.01 -5.78 4.14
CA ASP A 58 15.22 -5.27 3.49
C ASP A 58 14.97 -4.94 2.02
N ASP A 59 13.84 -4.27 1.80
CA ASP A 59 13.52 -3.67 0.50
C ASP A 59 13.03 -4.68 -0.54
N GLU A 60 12.89 -5.93 -0.15
CA GLU A 60 12.46 -7.00 -1.03
C GLU A 60 11.13 -7.51 -0.53
N TYR A 61 10.28 -7.97 -1.44
CA TYR A 61 8.91 -8.36 -1.09
C TYR A 61 8.70 -9.87 -1.17
N PHE A 62 7.95 -10.41 -0.20
CA PHE A 62 7.70 -11.82 -0.06
C PHE A 62 6.31 -12.08 0.42
N LEU A 63 5.76 -13.20 -0.01
CA LEU A 63 4.59 -13.80 0.61
C LEU A 63 5.13 -14.83 1.60
N ILE A 64 4.66 -14.74 2.83
CA ILE A 64 5.22 -15.50 3.91
C ILE A 64 4.21 -16.39 4.59
N THR A 65 4.41 -17.71 4.49
CA THR A 65 3.62 -18.70 5.23
C THR A 65 4.60 -19.72 5.84
N PRO A 66 4.15 -20.53 6.81
CA PRO A 66 5.07 -21.51 7.38
C PRO A 66 5.75 -22.40 6.34
N VAL A 67 5.00 -22.89 5.37
CA VAL A 67 5.50 -23.87 4.43
C VAL A 67 6.14 -23.25 3.21
N GLU A 68 5.60 -22.09 2.78
CA GLU A 68 5.99 -21.50 1.51
C GLU A 68 6.30 -20.02 1.71
N LYS A 69 7.53 -19.64 1.34
CA LYS A 69 7.98 -18.29 1.39
C LYS A 69 8.52 -17.95 0.02
N VAL A 70 7.87 -17.00 -0.67
CA VAL A 70 8.15 -16.75 -2.06
C VAL A 70 8.26 -15.24 -2.33
N ARG A 71 8.96 -14.91 -3.42
CA ARG A 71 9.21 -13.53 -3.77
C ARG A 71 8.07 -12.93 -4.60
N VAL A 72 7.93 -11.63 -4.43
CA VAL A 72 7.01 -10.80 -5.22
C VAL A 72 7.81 -9.65 -5.81
N GLN A 73 7.64 -9.40 -7.11
CA GLN A 73 8.27 -8.22 -7.76
C GLN A 73 7.27 -7.06 -7.70
N VAL A 74 7.74 -5.88 -7.31
CA VAL A 74 6.90 -4.71 -7.10
C VAL A 74 7.51 -3.56 -7.91
N GLU A 75 6.74 -3.01 -8.84
CA GLU A 75 7.24 -1.96 -9.71
C GLU A 75 7.48 -0.65 -8.98
N ASP A 76 6.55 -0.28 -8.09
CA ASP A 76 6.56 1.01 -7.41
C ASP A 76 6.25 0.74 -5.94
N ALA A 77 4.98 0.88 -5.52
CA ALA A 77 4.56 0.51 -4.17
C ALA A 77 3.64 -0.72 -4.24
N PRO A 78 3.63 -1.52 -3.20
CA PRO A 78 2.83 -2.76 -3.25
C PRO A 78 1.32 -2.51 -3.25
N LEU A 79 0.91 -1.34 -2.76
CA LEU A 79 -0.49 -1.03 -2.57
C LEU A 79 -0.75 0.38 -3.06
N LEU A 80 -1.92 0.59 -3.69
CA LEU A 80 -2.36 1.90 -4.13
C LEU A 80 -3.54 2.33 -3.23
N ILE A 81 -3.33 3.41 -2.50
CA ILE A 81 -4.34 3.97 -1.62
C ILE A 81 -5.35 4.77 -2.43
N VAL A 82 -6.63 4.45 -2.30
CA VAL A 82 -7.68 5.10 -3.09
C VAL A 82 -8.68 5.87 -2.21
N ASP A 83 -8.65 5.65 -0.89
CA ASP A 83 -9.55 6.36 0.03
C ASP A 83 -8.92 6.42 1.40
N PHE A 84 -9.40 7.36 2.22
CA PHE A 84 -8.89 7.55 3.55
C PHE A 84 -9.93 8.33 4.36
N GLU A 85 -9.84 8.21 5.67
CA GLU A 85 -10.65 8.99 6.61
C GLU A 85 -9.96 9.00 7.96
N ARG A 86 -10.15 10.08 8.73
CA ARG A 86 -9.79 10.03 10.15
C ARG A 86 -10.94 9.40 10.95
N ALA A 87 -10.61 8.52 11.88
CA ALA A 87 -11.60 7.99 12.82
C ALA A 87 -12.25 9.12 13.63
N GLN A 88 -11.40 10.06 14.09
CA GLN A 88 -11.88 11.21 14.84
CA GLN A 88 -11.86 11.21 14.86
C GLN A 88 -11.12 12.46 14.39
N PRO A 89 -11.70 13.65 14.65
CA PRO A 89 -10.96 14.83 14.29
C PRO A 89 -9.55 14.73 14.79
N HIS A 90 -8.59 15.08 13.93
CA HIS A 90 -7.18 15.13 14.29
C HIS A 90 -6.53 13.78 14.53
N SER A 91 -7.25 12.69 14.28
CA SER A 91 -6.71 11.38 14.51
C SER A 91 -5.82 10.91 13.35
N LEU A 92 -5.15 9.79 13.56
CA LEU A 92 -4.50 9.05 12.52
C LEU A 92 -5.52 8.60 11.50
N LEU A 93 -5.02 8.12 10.35
CA LEU A 93 -5.92 7.82 9.25
C LEU A 93 -6.18 6.33 9.15
N ASN A 94 -7.37 6.02 8.68
CA ASN A 94 -7.69 4.72 8.10
C ASN A 94 -7.58 4.91 6.60
N VAL A 95 -6.90 3.99 5.90
CA VAL A 95 -6.84 4.02 4.42
C VAL A 95 -7.29 2.74 3.85
N SER A 96 -7.81 2.81 2.63
CA SER A 96 -8.14 1.61 1.90
C SER A 96 -7.52 1.67 0.51
N THR A 97 -7.38 0.50 -0.10
CA THR A 97 -6.56 0.36 -1.28
C THR A 97 -7.37 -0.14 -2.48
N SER A 98 -6.76 -0.14 -3.65
CA SER A 98 -7.45 -0.54 -4.88
C SER A 98 -7.83 -2.01 -4.92
N ILE A 99 -7.15 -2.84 -4.14
CA ILE A 99 -7.49 -4.27 -4.01
C ILE A 99 -8.40 -4.57 -2.79
N GLY A 100 -8.83 -3.52 -2.10
CA GLY A 100 -9.79 -3.65 -1.03
C GLY A 100 -9.19 -3.92 0.34
N THR A 101 -7.89 -3.65 0.56
CA THR A 101 -7.33 -3.81 1.90
C THR A 101 -7.57 -2.54 2.70
N LEU A 102 -7.68 -2.72 4.02
CA LEU A 102 -7.91 -1.64 4.96
C LEU A 102 -6.78 -1.58 5.97
N HIS A 103 -6.30 -0.37 6.27
CA HIS A 103 -5.16 -0.17 7.15
C HIS A 103 -5.47 0.94 8.13
N HIS A 104 -5.05 0.73 9.37
CA HIS A 104 -5.34 1.66 10.46
C HIS A 104 -4.09 2.33 10.97
N ASN A 105 -4.30 3.38 11.74
CA ASN A 105 -3.24 4.06 12.44
C ASN A 105 -2.16 4.62 11.52
N VAL A 106 -2.60 5.13 10.38
CA VAL A 106 -1.66 5.61 9.37
C VAL A 106 -1.32 7.07 9.62
N ASP A 107 -0.03 7.36 9.65
CA ASP A 107 0.50 8.62 10.17
C ASP A 107 0.99 9.54 9.03
N ILE A 108 0.24 10.60 8.78
CA ILE A 108 0.57 11.61 7.79
C ILE A 108 2.01 12.12 7.96
N LYS A 109 2.45 12.29 9.21
CA LYS A 109 3.77 12.81 9.52
C LYS A 109 4.91 11.95 8.95
N GLN A 110 4.61 10.67 8.75
CA GLN A 110 5.60 9.71 8.28
C GLN A 110 5.57 9.52 6.76
N MSE A 111 4.83 10.37 6.07
CA MSE A 111 4.74 10.28 4.62
C MSE A 111 6.09 10.43 3.97
O MSE A 111 6.98 11.14 4.47
CB MSE A 111 3.78 11.33 4.10
CG MSE A 111 4.35 12.75 4.09
SE MSE A 111 3.07 13.97 3.29
CE MSE A 111 4.26 15.48 3.39
N LYS A 112 6.24 9.83 2.79
CA LYS A 112 7.43 9.98 1.99
C LYS A 112 7.06 10.46 0.61
N LEU A 113 7.85 11.40 0.09
CA LEU A 113 7.63 11.95 -1.23
C LEU A 113 8.77 11.61 -2.15
N THR A 114 8.43 11.37 -3.41
CA THR A 114 9.41 11.36 -4.47
C THR A 114 9.09 12.60 -5.30
N ASP A 115 9.64 12.69 -6.51
CA ASP A 115 9.21 13.80 -7.37
C ASP A 115 7.92 13.50 -8.10
N ASP A 116 7.43 12.27 -7.99
CA ASP A 116 6.21 11.85 -8.69
C ASP A 116 5.01 11.55 -7.80
N SER A 117 5.22 11.19 -6.55
CA SER A 117 4.21 10.49 -5.78
C SER A 117 4.38 10.71 -4.29
N VAL A 118 3.31 10.44 -3.56
CA VAL A 118 3.34 10.46 -2.11
C VAL A 118 3.01 9.05 -1.63
N TYR A 119 3.73 8.63 -0.61
CA TYR A 119 3.60 7.29 -0.03
C TYR A 119 3.36 7.36 1.46
N LEU A 120 2.48 6.48 1.98
CA LEU A 120 2.22 6.42 3.40
C LEU A 120 2.63 5.05 3.94
N PRO A 121 3.22 5.01 5.14
CA PRO A 121 3.68 3.72 5.62
C PRO A 121 2.56 2.92 6.29
N LEU A 122 2.51 1.63 5.95
CA LEU A 122 1.53 0.70 6.46
C LEU A 122 2.27 -0.38 7.22
N GLU A 123 1.61 -1.50 7.45
CA GLU A 123 2.21 -2.58 8.24
C GLU A 123 3.11 -3.44 7.40
N ARG A 124 3.86 -4.30 8.07
CA ARG A 124 4.68 -5.33 7.40
C ARG A 124 5.74 -4.76 6.43
N GLY A 125 6.19 -3.53 6.65
CA GLY A 125 7.17 -2.87 5.79
C GLY A 125 6.58 -2.33 4.51
N LEU A 126 5.26 -2.44 4.37
CA LEU A 126 4.57 -2.02 3.16
C LEU A 126 4.28 -0.52 3.15
N TRP A 127 4.43 0.08 1.97
CA TRP A 127 4.06 1.49 1.74
C TRP A 127 2.92 1.50 0.74
N GLY A 128 1.98 2.41 0.94
CA GLY A 128 0.90 2.64 0.01
C GLY A 128 1.12 3.94 -0.74
N LYS A 129 1.04 3.89 -2.07
CA LYS A 129 1.13 5.08 -2.91
C LYS A 129 -0.25 5.75 -2.95
N LEU A 130 -0.31 7.06 -2.76
CA LEU A 130 -1.59 7.75 -2.91
C LEU A 130 -2.01 7.80 -4.37
N GLY A 131 -3.19 7.30 -4.64
CA GLY A 131 -3.73 7.36 -5.98
C GLY A 131 -4.03 8.79 -6.42
N ARG A 132 -4.05 9.02 -7.73
CA ARG A 132 -4.25 10.34 -8.25
C ARG A 132 -5.57 10.93 -7.81
N ALA A 133 -6.63 10.12 -7.75
CA ALA A 133 -7.96 10.62 -7.47
C ALA A 133 -8.16 11.06 -6.03
N CYS A 134 -7.27 10.69 -5.09
CA CYS A 134 -7.41 11.13 -3.72
CA CYS A 134 -7.43 11.19 -3.72
C CYS A 134 -6.36 12.16 -3.30
N TYR A 135 -5.48 12.53 -4.25
CA TYR A 135 -4.35 13.40 -3.91
C TYR A 135 -4.77 14.74 -3.37
N TYR A 136 -5.60 15.46 -4.10
CA TYR A 136 -6.02 16.77 -3.65
C TYR A 136 -6.77 16.68 -2.34
N ASN A 137 -7.62 15.68 -2.17
CA ASN A 137 -8.32 15.50 -0.91
C ASN A 137 -7.32 15.30 0.27
N PHE A 138 -6.23 14.59 0.00
CA PHE A 138 -5.20 14.34 1.01
C PHE A 138 -4.55 15.66 1.40
N VAL A 139 -4.21 16.47 0.39
CA VAL A 139 -3.57 17.76 0.70
C VAL A 139 -4.52 18.61 1.58
N ASN A 140 -5.79 18.63 1.20
CA ASN A 140 -6.83 19.33 1.96
C ASN A 140 -6.98 18.81 3.38
N GLU A 141 -6.70 17.53 3.59
CA GLU A 141 -6.89 16.89 4.91
C GLU A 141 -5.91 17.34 5.98
N PHE A 142 -4.74 17.83 5.59
CA PHE A 142 -3.69 18.19 6.53
C PHE A 142 -4.24 19.12 7.62
N ASN A 143 -3.80 18.85 8.86
CA ASN A 143 -4.05 19.67 10.04
C ASN A 143 -2.67 19.99 10.62
N LEU A 144 -2.49 21.19 11.12
CA LEU A 144 -1.24 21.52 11.81
C LEU A 144 -0.88 20.53 12.92
N SER A 145 -1.91 19.98 13.57
CA SER A 145 -1.66 18.98 14.63
C SER A 145 -0.96 17.71 14.14
N ASP A 146 -1.00 17.46 12.84
CA ASP A 146 -0.37 16.25 12.29
C ASP A 146 1.15 16.25 12.48
N LEU A 147 1.72 17.42 12.75
CA LEU A 147 3.16 17.53 12.95
C LEU A 147 3.60 17.23 14.38
N ASN A 148 2.63 17.06 15.28
CA ASN A 148 2.92 16.90 16.70
C ASN A 148 3.47 15.51 16.98
NA NA B . -6.26 21.16 5.84
C1 EDO C . 9.98 -22.74 2.43
O1 EDO C . 9.66 -21.66 1.57
C2 EDO C . 9.39 -22.48 3.81
O2 EDO C . 10.20 -21.57 4.55
C1 EDO D . -10.39 10.05 -0.77
O1 EDO D . -10.33 10.93 -1.89
C2 EDO D . -11.03 10.75 0.42
O2 EDO D . -12.45 10.77 0.26
C1 EDO E . -3.98 6.23 -9.63
O1 EDO E . -4.60 6.70 -10.83
C2 EDO E . -2.62 6.85 -9.37
O2 EDO E . -1.47 6.12 -9.89
C1 EDO F . -0.37 11.43 -6.71
O1 EDO F . 0.65 11.60 -7.70
C2 EDO F . 0.25 11.22 -5.32
O2 EDO F . 0.97 9.98 -5.24
C1 EDO G . -11.61 -1.56 1.85
O1 EDO G . -12.46 -1.72 0.71
C2 EDO G . -11.93 -2.63 2.88
O2 EDO G . -12.80 -2.12 3.89
C1 EDO H . -4.63 23.25 0.99
O1 EDO H . -5.87 22.54 1.24
C2 EDO H . -4.46 24.41 1.94
O2 EDO H . -4.87 24.06 3.27
C1 EDO I . -4.94 14.56 -9.17
O1 EDO I . -5.60 15.44 -10.07
C2 EDO I . -3.51 15.00 -8.95
O2 EDO I . -2.74 13.87 -8.55
#